data_3EYD
#
_entry.id   3EYD
#
_cell.length_a   224.483
_cell.length_b   224.483
_cell.length_c   75.786
_cell.angle_alpha   90.00
_cell.angle_beta   90.00
_cell.angle_gamma   120.00
#
_symmetry.space_group_name_H-M   'H 3 2'
#
loop_
_entity.id
_entity.type
_entity.pdbx_description
1 polymer 'HCV NS3'
2 polymer 'HCV NS4a peptide'
3 non-polymer 'ZINC ION'
4 non-polymer '[(1R)-2-cyclobutyl-1-({[(1R,2S,5S)-3-(N-{[(1S)-2,2-dimethyl-1-{[methyl(methylsulfonyl)amino]methyl}propyl]carbamoyl}-3-methyl-L-valyl)-6,6-dimethyl-3-azabicyclo[3.1.0]hex-2-yl]carbonyl}amino)ethyl]boronic acid'
5 water water
#
loop_
_entity_poly.entity_id
_entity_poly.type
_entity_poly.pdbx_seq_one_letter_code
_entity_poly.pdbx_strand_id
1 'polypeptide(L)'
;MASMTGGQQMGAPITAYAQQTRGLLGCIITSLTGRDKNQVEGEVQIVSTATQTFLATCINGVCWTVYHGAGTRTIASPKG
PVIQMYTNVDQDLVGWPAPQGSRSLTPCTCGSSDLYLVTRHADVIPVRRRGDSRGSLLSPRPISYLKGSSGGPLLCPAGH
AVGLFRAAVCTRGVAKAVDFIPVENLETTMRSGSHHHHHH
;
A,C
2 'polypeptide(L)' KKGSVVIVGRIVLSGKPAIIPKK B,D
#
loop_
_chem_comp.id
_chem_comp.type
_chem_comp.name
_chem_comp.formula
BE8 non-polymer '[(1R)-2-cyclobutyl-1-({[(1R,2S,5S)-3-(N-{[(1S)-2,2-dimethyl-1-{[methyl(methylsulfonyl)amino]methyl}propyl]carbamoyl}-3-methyl-L-valyl)-6,6-dimethyl-3-azabicyclo[3.1.0]hex-2-yl]carbonyl}amino)ethyl]boronic acid' 'C29 H54 B N5 O7 S'
ZN non-polymer 'ZINC ION' 'Zn 2'
#
# COMPACT_ATOMS: atom_id res chain seq x y z
N ALA A 12 2.08 -8.16 -9.13
CA ALA A 12 2.79 -7.69 -7.91
C ALA A 12 1.73 -7.04 -7.06
N PRO A 13 1.92 -7.05 -5.73
CA PRO A 13 0.97 -6.44 -4.80
C PRO A 13 1.04 -4.92 -4.88
N ILE A 14 -0.11 -4.27 -4.74
CA ILE A 14 -0.16 -2.82 -4.76
C ILE A 14 0.24 -2.32 -3.37
N THR A 15 1.39 -1.66 -3.30
CA THR A 15 1.88 -1.09 -2.05
C THR A 15 2.07 0.39 -2.36
N ALA A 16 2.07 1.24 -1.33
CA ALA A 16 2.23 2.67 -1.55
C ALA A 16 2.77 3.35 -0.31
N TYR A 17 3.42 4.49 -0.51
CA TYR A 17 3.94 5.25 0.61
C TYR A 17 3.73 6.73 0.35
N ALA A 18 3.67 7.51 1.42
CA ALA A 18 3.45 8.94 1.33
C ALA A 18 4.67 9.70 1.86
N GLN A 19 4.83 10.95 1.43
CA GLN A 19 5.93 11.80 1.87
C GLN A 19 5.44 13.24 1.83
N GLN A 20 5.58 13.94 2.95
CA GLN A 20 5.15 15.33 3.00
C GLN A 20 6.28 16.16 2.42
N THR A 21 5.94 17.05 1.50
CA THR A 21 6.92 17.89 0.85
C THR A 21 6.92 19.32 1.33
N ARG A 22 5.82 19.76 1.94
CA ARG A 22 5.81 21.12 2.46
C ARG A 22 4.80 21.36 3.56
N GLY A 23 5.07 22.42 4.34
CA GLY A 23 4.25 22.77 5.48
C GLY A 23 3.20 23.85 5.24
N LEU A 24 2.49 24.20 6.30
CA LEU A 24 1.42 25.18 6.24
C LEU A 24 1.84 26.57 5.74
N LEU A 25 2.94 27.09 6.26
CA LEU A 25 3.42 28.40 5.84
C LEU A 25 3.96 28.35 4.40
N GLY A 26 4.72 27.30 4.09
CA GLY A 26 5.28 27.15 2.77
C GLY A 26 4.17 26.97 1.73
N CYS A 27 3.12 26.23 2.12
CA CYS A 27 1.98 25.97 1.25
C CYS A 27 1.25 27.27 0.93
N ILE A 28 0.91 28.04 1.96
CA ILE A 28 0.20 29.31 1.77
C ILE A 28 0.96 30.30 0.87
N ILE A 29 2.26 30.40 1.08
CA ILE A 29 3.11 31.32 0.32
C ILE A 29 3.12 30.85 -1.13
N THR A 30 3.33 29.55 -1.34
CA THR A 30 3.39 28.95 -2.67
C THR A 30 2.05 29.08 -3.40
N SER A 31 0.97 29.17 -2.63
CA SER A 31 -0.36 29.32 -3.19
C SER A 31 -0.52 30.71 -3.80
N LEU A 32 -0.13 31.74 -3.05
CA LEU A 32 -0.23 33.13 -3.51
C LEU A 32 0.76 33.40 -4.65
N THR A 33 1.93 32.82 -4.53
CA THR A 33 3.00 32.97 -5.50
C THR A 33 2.69 32.20 -6.79
N GLY A 34 2.19 30.99 -6.64
CA GLY A 34 1.90 30.17 -7.80
C GLY A 34 3.17 29.58 -8.36
N ARG A 35 4.28 29.76 -7.66
CA ARG A 35 5.56 29.24 -8.11
C ARG A 35 6.10 28.21 -7.12
N ASP A 36 6.14 26.96 -7.55
CA ASP A 36 6.60 25.83 -6.76
C ASP A 36 7.87 25.28 -7.39
N LYS A 37 8.99 25.38 -6.69
CA LYS A 37 10.25 24.88 -7.21
C LYS A 37 10.64 23.48 -6.69
N ASN A 38 9.81 22.90 -5.85
CA ASN A 38 10.08 21.57 -5.31
C ASN A 38 10.13 20.54 -6.42
N GLN A 39 10.82 19.44 -6.16
CA GLN A 39 10.94 18.34 -7.10
C GLN A 39 9.68 17.52 -6.95
N VAL A 40 9.25 16.88 -8.04
CA VAL A 40 8.05 16.06 -8.04
C VAL A 40 8.41 14.61 -8.32
N GLU A 41 7.68 13.70 -7.66
CA GLU A 41 7.84 12.26 -7.79
C GLU A 41 6.48 11.66 -7.49
N GLY A 42 6.23 10.45 -8.00
CA GLY A 42 4.98 9.79 -7.73
C GLY A 42 3.86 9.97 -8.73
N GLU A 43 2.84 9.10 -8.59
CA GLU A 43 1.67 9.07 -9.43
C GLU A 43 0.53 9.90 -8.85
N VAL A 44 0.45 9.92 -7.52
CA VAL A 44 -0.59 10.65 -6.83
C VAL A 44 0.09 11.78 -6.06
N GLN A 45 -0.44 12.98 -6.20
CA GLN A 45 0.09 14.14 -5.51
C GLN A 45 -0.89 14.54 -4.40
N ILE A 46 -0.37 14.80 -3.20
CA ILE A 46 -1.20 15.26 -2.11
C ILE A 46 -1.28 16.76 -2.39
N VAL A 47 -2.49 17.24 -2.58
CA VAL A 47 -2.66 18.60 -2.97
C VAL A 47 -3.48 19.41 -1.95
N SER A 48 -3.26 20.72 -1.90
CA SER A 48 -3.97 21.57 -0.95
C SER A 48 -4.31 22.94 -1.48
N THR A 49 -5.27 23.56 -0.82
CA THR A 49 -5.70 24.90 -1.12
C THR A 49 -5.74 25.49 0.29
N ALA A 50 -6.13 26.76 0.41
CA ALA A 50 -6.21 27.36 1.73
C ALA A 50 -7.43 26.75 2.45
N THR A 51 -8.39 26.29 1.67
CA THR A 51 -9.61 25.69 2.21
C THR A 51 -9.45 24.20 2.58
N GLN A 52 -8.84 23.42 1.70
CA GLN A 52 -8.70 22.00 1.98
C GLN A 52 -7.53 21.31 1.32
N THR A 53 -7.40 20.01 1.60
CA THR A 53 -6.34 19.19 1.05
C THR A 53 -6.99 17.92 0.56
N PHE A 54 -6.60 17.51 -0.64
CA PHE A 54 -7.14 16.32 -1.30
C PHE A 54 -6.03 15.72 -2.18
N LEU A 55 -6.40 14.86 -3.13
CA LEU A 55 -5.40 14.22 -3.97
C LEU A 55 -5.58 14.49 -5.45
N ALA A 56 -4.52 14.23 -6.21
CA ALA A 56 -4.54 14.41 -7.66
C ALA A 56 -3.74 13.25 -8.25
N THR A 57 -4.34 12.55 -9.19
CA THR A 57 -3.71 11.41 -9.82
C THR A 57 -3.26 11.70 -11.25
N CYS A 58 -2.03 11.35 -11.57
CA CYS A 58 -1.53 11.57 -12.89
C CYS A 58 -1.87 10.32 -13.68
N ILE A 59 -2.59 10.48 -14.79
CA ILE A 59 -2.98 9.37 -15.66
C ILE A 59 -2.72 9.86 -17.07
N ASN A 60 -1.92 9.10 -17.81
CA ASN A 60 -1.58 9.44 -19.18
C ASN A 60 -1.11 10.88 -19.42
N GLY A 61 -0.11 11.31 -18.67
CA GLY A 61 0.43 12.65 -18.83
C GLY A 61 -0.38 13.81 -18.33
N VAL A 62 -1.55 13.55 -17.76
CA VAL A 62 -2.40 14.61 -17.21
C VAL A 62 -2.62 14.35 -15.74
N CYS A 63 -2.60 15.43 -14.95
CA CYS A 63 -2.81 15.35 -13.50
C CYS A 63 -4.27 15.68 -13.22
N TRP A 64 -5.02 14.67 -12.84
CA TRP A 64 -6.44 14.83 -12.59
C TRP A 64 -6.80 14.92 -11.12
N THR A 65 -7.76 15.77 -10.81
CA THR A 65 -8.24 15.88 -9.45
C THR A 65 -9.73 16.17 -9.48
N VAL A 66 -10.28 16.36 -8.29
CA VAL A 66 -11.69 16.60 -8.09
C VAL A 66 -12.05 18.08 -8.25
N TYR A 67 -13.14 18.35 -8.97
CA TYR A 67 -13.56 19.72 -9.19
C TYR A 67 -14.02 20.35 -7.90
N HIS A 68 -14.63 19.54 -7.04
CA HIS A 68 -15.14 20.02 -5.77
C HIS A 68 -14.04 20.44 -4.80
N GLY A 69 -12.80 20.16 -5.16
CA GLY A 69 -11.67 20.53 -4.33
C GLY A 69 -10.81 21.61 -4.97
N ALA A 70 -10.53 21.47 -6.26
CA ALA A 70 -9.69 22.43 -7.00
C ALA A 70 -10.47 23.60 -7.55
N GLY A 71 -11.77 23.41 -7.77
CA GLY A 71 -12.59 24.47 -8.31
C GLY A 71 -12.07 24.80 -9.68
N THR A 72 -11.75 26.06 -9.88
CA THR A 72 -11.25 26.47 -11.17
C THR A 72 -9.81 27.01 -11.09
N ARG A 73 -9.16 26.74 -9.97
CA ARG A 73 -7.79 27.18 -9.69
C ARG A 73 -6.70 26.68 -10.62
N THR A 74 -5.56 27.38 -10.57
CA THR A 74 -4.39 27.00 -11.35
C THR A 74 -3.55 26.13 -10.41
N ILE A 75 -2.57 25.41 -10.95
CA ILE A 75 -1.71 24.59 -10.10
C ILE A 75 -0.33 25.29 -10.10
N ALA A 76 0.26 25.42 -8.92
CA ALA A 76 1.55 26.07 -8.79
C ALA A 76 2.66 25.19 -9.34
N SER A 77 3.60 25.80 -10.07
CA SER A 77 4.72 25.08 -10.69
C SER A 77 5.97 25.95 -10.74
N PRO A 78 7.11 25.39 -11.15
CA PRO A 78 8.37 26.13 -11.24
C PRO A 78 8.27 27.37 -12.12
N LYS A 79 7.38 27.31 -13.12
CA LYS A 79 7.18 28.40 -14.06
C LYS A 79 6.01 29.32 -13.70
N GLY A 80 5.47 29.16 -12.50
CA GLY A 80 4.35 29.97 -12.09
C GLY A 80 3.09 29.14 -12.21
N PRO A 81 1.91 29.76 -12.10
CA PRO A 81 0.64 29.03 -12.20
C PRO A 81 0.45 28.40 -13.57
N VAL A 82 -0.18 27.23 -13.56
CA VAL A 82 -0.49 26.51 -14.79
C VAL A 82 -2.00 26.39 -14.85
N ILE A 83 -2.58 26.91 -15.92
CA ILE A 83 -4.02 26.88 -16.16
C ILE A 83 -4.46 25.44 -16.42
N GLN A 84 -5.67 25.11 -15.97
CA GLN A 84 -6.22 23.78 -16.18
C GLN A 84 -6.39 23.48 -17.66
N MET A 85 -6.16 22.22 -18.03
CA MET A 85 -6.32 21.77 -19.41
C MET A 85 -7.77 21.35 -19.62
N TYR A 86 -8.32 20.63 -18.63
CA TYR A 86 -9.70 20.13 -18.69
C TYR A 86 -10.44 20.53 -17.44
N THR A 87 -11.73 20.78 -17.61
CA THR A 87 -12.61 21.20 -16.54
C THR A 87 -14.02 20.70 -16.84
N ASN A 88 -14.56 19.84 -15.99
CA ASN A 88 -15.91 19.33 -16.20
C ASN A 88 -16.67 19.36 -14.89
N VAL A 89 -17.37 20.47 -14.66
CA VAL A 89 -18.14 20.66 -13.44
C VAL A 89 -19.15 19.55 -13.21
N ASP A 90 -19.81 19.13 -14.26
CA ASP A 90 -20.82 18.08 -14.19
C ASP A 90 -20.27 16.74 -13.75
N GLN A 91 -19.05 16.42 -14.20
CA GLN A 91 -18.43 15.15 -13.83
C GLN A 91 -17.50 15.31 -12.63
N ASP A 92 -17.42 16.54 -12.12
CA ASP A 92 -16.59 16.87 -10.96
C ASP A 92 -15.11 16.59 -11.23
N LEU A 93 -14.61 17.08 -12.37
CA LEU A 93 -13.23 16.87 -12.77
C LEU A 93 -12.48 18.12 -13.23
N VAL A 94 -11.17 18.10 -13.08
CA VAL A 94 -10.28 19.16 -13.55
C VAL A 94 -8.97 18.46 -13.88
N GLY A 95 -8.17 19.03 -14.77
CA GLY A 95 -6.92 18.40 -15.11
C GLY A 95 -5.92 19.47 -15.51
N TRP A 96 -4.67 19.26 -15.16
CA TRP A 96 -3.59 20.17 -15.51
C TRP A 96 -2.55 19.24 -16.09
N PRO A 97 -1.64 19.76 -16.93
CA PRO A 97 -0.65 18.80 -17.43
C PRO A 97 0.18 18.30 -16.25
N ALA A 98 0.45 16.99 -16.25
CA ALA A 98 1.23 16.35 -15.19
C ALA A 98 2.55 17.08 -14.94
N PRO A 99 2.83 17.42 -13.68
CA PRO A 99 4.05 18.11 -13.30
C PRO A 99 5.32 17.37 -13.74
N GLN A 100 6.30 18.13 -14.19
CA GLN A 100 7.57 17.57 -14.58
C GLN A 100 8.13 16.82 -13.37
N GLY A 101 8.22 15.50 -13.51
CA GLY A 101 8.74 14.67 -12.44
C GLY A 101 7.74 13.61 -12.04
N SER A 102 6.45 13.93 -12.14
CA SER A 102 5.41 12.97 -11.77
C SER A 102 5.51 11.75 -12.67
N ARG A 103 4.77 10.71 -12.31
CA ARG A 103 4.76 9.45 -13.05
C ARG A 103 3.27 9.15 -13.26
N SER A 104 2.88 8.80 -14.48
CA SER A 104 1.46 8.55 -14.75
C SER A 104 1.01 7.11 -14.67
N LEU A 105 -0.25 6.94 -14.28
CA LEU A 105 -0.87 5.63 -14.22
C LEU A 105 -1.51 5.51 -15.59
N THR A 106 -1.97 4.32 -15.95
CA THR A 106 -2.61 4.14 -17.23
C THR A 106 -3.96 3.48 -17.04
N PRO A 107 -4.95 3.87 -17.86
CA PRO A 107 -6.30 3.34 -17.78
C PRO A 107 -6.33 1.83 -17.77
N CYS A 108 -7.34 1.31 -17.07
CA CYS A 108 -7.55 -0.12 -16.94
C CYS A 108 -8.20 -0.62 -18.21
N THR A 109 -7.73 -1.76 -18.67
CA THR A 109 -8.24 -2.38 -19.88
C THR A 109 -9.01 -3.67 -19.55
N CYS A 110 -8.45 -4.47 -18.64
CA CYS A 110 -9.03 -5.75 -18.18
C CYS A 110 -10.46 -5.75 -17.65
N GLY A 111 -11.04 -4.57 -17.42
CA GLY A 111 -12.40 -4.50 -16.90
C GLY A 111 -12.69 -5.29 -15.62
N SER A 112 -11.75 -5.27 -14.68
CA SER A 112 -11.90 -5.98 -13.41
C SER A 112 -12.91 -5.31 -12.48
N SER A 113 -13.45 -6.09 -11.55
CA SER A 113 -14.42 -5.56 -10.60
C SER A 113 -13.87 -5.54 -9.17
N ASP A 114 -12.64 -6.00 -8.99
CA ASP A 114 -12.01 -5.99 -7.67
C ASP A 114 -11.05 -4.81 -7.70
N LEU A 115 -11.46 -3.70 -7.10
CA LEU A 115 -10.67 -2.48 -7.08
C LEU A 115 -9.97 -2.23 -5.73
N TYR A 116 -8.98 -1.35 -5.72
CA TYR A 116 -8.24 -1.00 -4.51
C TYR A 116 -8.06 0.50 -4.48
N LEU A 117 -8.66 1.14 -3.47
CA LEU A 117 -8.60 2.58 -3.28
C LEU A 117 -7.33 2.97 -2.53
N VAL A 118 -6.58 3.93 -3.06
CA VAL A 118 -5.37 4.39 -2.40
C VAL A 118 -5.76 5.69 -1.71
N THR A 119 -5.60 5.73 -0.39
CA THR A 119 -5.97 6.91 0.41
C THR A 119 -4.79 7.86 0.58
N ARG A 120 -5.06 9.07 1.09
CA ARG A 120 -4.01 10.07 1.31
C ARG A 120 -2.99 9.70 2.36
N HIS A 121 -3.24 8.60 3.06
CA HIS A 121 -2.30 8.10 4.07
C HIS A 121 -1.54 6.93 3.48
N ALA A 122 -1.68 6.75 2.17
CA ALA A 122 -1.02 5.70 1.43
C ALA A 122 -1.46 4.28 1.79
N ASP A 123 -2.72 4.14 2.20
CA ASP A 123 -3.29 2.84 2.53
C ASP A 123 -4.07 2.40 1.31
N VAL A 124 -4.08 1.12 0.99
CA VAL A 124 -4.85 0.66 -0.15
C VAL A 124 -5.93 -0.25 0.43
N ILE A 125 -7.17 0.08 0.13
CA ILE A 125 -8.28 -0.67 0.66
C ILE A 125 -9.09 -1.34 -0.45
N PRO A 126 -9.45 -2.62 -0.27
CA PRO A 126 -10.21 -3.26 -1.34
C PRO A 126 -11.67 -2.82 -1.37
N VAL A 127 -12.18 -2.57 -2.58
CA VAL A 127 -13.56 -2.19 -2.79
C VAL A 127 -14.07 -3.02 -3.97
N ARG A 128 -15.30 -3.52 -3.87
CA ARG A 128 -15.89 -4.32 -4.94
C ARG A 128 -16.75 -3.41 -5.79
N ARG A 129 -16.52 -3.44 -7.09
CA ARG A 129 -17.30 -2.60 -7.98
C ARG A 129 -18.74 -3.09 -8.07
N ARG A 130 -19.68 -2.17 -7.89
CA ARG A 130 -21.10 -2.49 -7.96
C ARG A 130 -21.63 -1.85 -9.23
N GLY A 131 -21.75 -0.53 -9.21
CA GLY A 131 -22.23 0.18 -10.38
C GLY A 131 -21.02 0.61 -11.20
N ASP A 132 -21.23 1.47 -12.17
CA ASP A 132 -20.09 1.94 -12.96
C ASP A 132 -19.40 3.10 -12.24
N SER A 133 -20.07 3.67 -11.24
CA SER A 133 -19.52 4.76 -10.46
C SER A 133 -19.55 4.48 -8.95
N ARG A 134 -19.92 3.25 -8.59
CA ARG A 134 -20.01 2.82 -7.20
C ARG A 134 -19.23 1.55 -6.93
N GLY A 135 -18.80 1.41 -5.68
CA GLY A 135 -18.05 0.24 -5.26
C GLY A 135 -18.24 0.10 -3.76
N SER A 136 -18.27 -1.13 -3.24
CA SER A 136 -18.49 -1.34 -1.81
C SER A 136 -17.22 -1.74 -1.05
N LEU A 137 -16.96 -1.07 0.07
CA LEU A 137 -15.80 -1.40 0.87
C LEU A 137 -16.06 -2.80 1.40
N LEU A 138 -15.03 -3.63 1.45
CA LEU A 138 -15.17 -4.99 1.97
C LEU A 138 -14.99 -4.92 3.49
N SER A 139 -14.52 -3.77 3.94
CA SER A 139 -14.30 -3.55 5.35
C SER A 139 -14.60 -2.09 5.65
N PRO A 140 -15.87 -1.80 6.01
CA PRO A 140 -16.29 -0.44 6.33
C PRO A 140 -15.34 0.24 7.31
N ARG A 141 -15.11 1.52 7.08
CA ARG A 141 -14.22 2.28 7.93
C ARG A 141 -14.90 3.61 8.19
N PRO A 142 -14.54 4.29 9.29
CA PRO A 142 -15.19 5.58 9.54
C PRO A 142 -14.81 6.54 8.41
N ILE A 143 -15.70 7.45 8.06
CA ILE A 143 -15.43 8.40 6.98
C ILE A 143 -14.16 9.23 7.21
N SER A 144 -13.84 9.46 8.49
CA SER A 144 -12.64 10.20 8.88
C SER A 144 -11.36 9.55 8.33
N TYR A 145 -11.43 8.26 8.06
CA TYR A 145 -10.30 7.53 7.52
C TYR A 145 -10.10 7.97 6.06
N LEU A 146 -11.20 8.13 5.36
CA LEU A 146 -11.20 8.50 3.96
C LEU A 146 -11.05 9.97 3.66
N LYS A 147 -11.21 10.79 4.70
CA LYS A 147 -11.12 12.24 4.57
C LYS A 147 -9.85 12.69 3.86
N GLY A 148 -10.01 13.55 2.87
CA GLY A 148 -8.86 14.07 2.13
C GLY A 148 -8.35 13.17 1.04
N SER A 149 -9.16 12.18 0.65
CA SER A 149 -8.76 11.23 -0.38
C SER A 149 -9.44 11.44 -1.74
N SER A 150 -10.36 12.40 -1.85
CA SER A 150 -11.02 12.62 -3.13
C SER A 150 -9.99 13.08 -4.16
N GLY A 151 -10.04 12.46 -5.34
CA GLY A 151 -9.09 12.75 -6.38
C GLY A 151 -8.10 11.60 -6.47
N GLY A 152 -8.09 10.73 -5.46
CA GLY A 152 -7.18 9.59 -5.44
C GLY A 152 -7.60 8.48 -6.38
N PRO A 153 -6.69 7.52 -6.67
CA PRO A 153 -7.01 6.42 -7.58
C PRO A 153 -7.69 5.18 -7.02
N LEU A 154 -8.46 4.54 -7.91
CA LEU A 154 -9.11 3.27 -7.64
C LEU A 154 -8.40 2.42 -8.67
N LEU A 155 -7.47 1.60 -8.21
CA LEU A 155 -6.69 0.74 -9.10
C LEU A 155 -7.33 -0.63 -9.24
N CYS A 156 -6.87 -1.37 -10.23
CA CYS A 156 -7.34 -2.73 -10.47
C CYS A 156 -6.15 -3.56 -9.99
N PRO A 157 -6.29 -4.90 -9.85
CA PRO A 157 -5.16 -5.70 -9.39
C PRO A 157 -3.85 -5.55 -10.16
N ALA A 158 -3.95 -5.00 -11.37
CA ALA A 158 -2.79 -4.79 -12.23
C ALA A 158 -2.16 -3.41 -12.02
N GLY A 159 -2.78 -2.60 -11.15
CA GLY A 159 -2.27 -1.26 -10.87
C GLY A 159 -2.69 -0.17 -11.85
N HIS A 160 -3.77 -0.41 -12.58
CA HIS A 160 -4.24 0.55 -13.57
C HIS A 160 -5.44 1.28 -13.08
N ALA A 161 -5.50 2.57 -13.41
CA ALA A 161 -6.59 3.42 -12.98
C ALA A 161 -7.97 2.99 -13.50
N VAL A 162 -8.91 2.80 -12.58
CA VAL A 162 -10.29 2.44 -12.89
C VAL A 162 -11.16 3.69 -12.65
N GLY A 163 -10.83 4.47 -11.62
CA GLY A 163 -11.59 5.68 -11.35
C GLY A 163 -10.88 6.57 -10.34
N LEU A 164 -11.49 7.72 -10.06
CA LEU A 164 -10.97 8.69 -9.09
C LEU A 164 -11.98 8.83 -7.96
N PHE A 165 -11.57 8.55 -6.72
CA PHE A 165 -12.44 8.67 -5.55
C PHE A 165 -13.03 10.09 -5.41
N ARG A 166 -14.33 10.22 -5.17
CA ARG A 166 -14.88 11.56 -5.02
C ARG A 166 -15.80 11.75 -3.83
N ALA A 167 -16.47 10.70 -3.39
CA ALA A 167 -17.38 10.80 -2.27
C ALA A 167 -17.63 9.44 -1.65
N ALA A 168 -18.02 9.45 -0.38
CA ALA A 168 -18.33 8.21 0.34
C ALA A 168 -19.84 8.03 0.51
N VAL A 169 -20.27 6.78 0.52
CA VAL A 169 -21.66 6.43 0.75
C VAL A 169 -21.58 5.97 2.20
N CYS A 170 -21.89 6.86 3.13
CA CYS A 170 -21.80 6.52 4.53
C CYS A 170 -23.09 6.66 5.32
N THR A 171 -23.08 6.10 6.52
CA THR A 171 -24.20 6.14 7.43
C THR A 171 -23.64 5.96 8.83
N ARG A 172 -24.18 6.73 9.78
CA ARG A 172 -23.72 6.71 11.17
C ARG A 172 -22.24 7.07 11.27
N GLY A 173 -21.73 7.72 10.22
CA GLY A 173 -20.32 8.11 10.19
C GLY A 173 -19.40 7.01 9.68
N VAL A 174 -19.97 5.94 9.14
CA VAL A 174 -19.18 4.84 8.63
C VAL A 174 -19.38 4.68 7.12
N ALA A 175 -18.27 4.63 6.39
CA ALA A 175 -18.31 4.48 4.95
C ALA A 175 -18.47 3.00 4.63
N LYS A 176 -19.53 2.68 3.92
CA LYS A 176 -19.81 1.31 3.51
C LYS A 176 -19.52 1.16 2.02
N ALA A 177 -19.58 2.27 1.29
CA ALA A 177 -19.31 2.26 -0.14
C ALA A 177 -18.69 3.58 -0.55
N VAL A 178 -18.18 3.64 -1.76
CA VAL A 178 -17.57 4.85 -2.28
C VAL A 178 -18.13 5.18 -3.65
N ASP A 179 -18.12 6.47 -3.98
CA ASP A 179 -18.57 6.96 -5.26
C ASP A 179 -17.34 7.45 -6.00
N PHE A 180 -17.13 6.94 -7.20
CA PHE A 180 -15.96 7.35 -7.96
C PHE A 180 -16.30 7.79 -9.38
N ILE A 181 -15.31 8.40 -10.01
CA ILE A 181 -15.41 8.88 -11.39
C ILE A 181 -14.60 7.88 -12.25
N PRO A 182 -15.30 7.03 -13.01
CA PRO A 182 -14.56 6.06 -13.84
C PRO A 182 -13.69 6.78 -14.88
N VAL A 183 -12.59 6.16 -15.28
CA VAL A 183 -11.68 6.77 -16.26
C VAL A 183 -12.32 7.15 -17.60
N GLU A 184 -13.45 6.54 -17.92
CA GLU A 184 -14.16 6.82 -19.15
C GLU A 184 -14.66 8.25 -19.23
N ASN A 185 -14.93 8.84 -18.07
CA ASN A 185 -15.38 10.22 -18.03
C ASN A 185 -14.23 11.16 -18.29
N LEU A 186 -13.01 10.65 -18.10
CA LEU A 186 -11.81 11.44 -18.35
C LEU A 186 -11.67 11.58 -19.87
N GLU A 187 -11.86 10.47 -20.59
CA GLU A 187 -11.77 10.46 -22.05
C GLU A 187 -12.80 11.44 -22.60
N THR A 188 -14.03 11.33 -22.10
CA THR A 188 -15.13 12.18 -22.49
C THR A 188 -14.85 13.66 -22.17
N THR A 189 -14.27 13.92 -21.01
CA THR A 189 -13.93 15.27 -20.59
C THR A 189 -12.87 15.88 -21.52
N MET A 190 -11.85 15.09 -21.86
CA MET A 190 -10.78 15.54 -22.74
C MET A 190 -11.35 15.83 -24.11
N ARG A 191 -12.27 14.97 -24.53
CA ARG A 191 -12.93 15.09 -25.82
C ARG A 191 -13.93 16.26 -25.85
N SER A 192 -14.03 16.99 -24.75
CA SER A 192 -14.95 18.13 -24.67
C SER A 192 -14.18 19.46 -24.61
N LYS B 2 -7.74 34.27 -6.69
CA LYS B 2 -7.79 32.99 -5.93
C LYS B 2 -6.46 32.26 -6.04
N GLY B 3 -6.06 31.58 -4.97
CA GLY B 3 -4.79 30.90 -4.95
C GLY B 3 -4.69 29.66 -5.82
N SER B 4 -3.45 29.24 -6.06
CA SER B 4 -3.17 28.06 -6.84
C SER B 4 -3.21 26.86 -5.92
N VAL B 5 -3.54 25.70 -6.49
CA VAL B 5 -3.54 24.46 -5.74
C VAL B 5 -2.05 24.12 -5.61
N VAL B 6 -1.60 23.79 -4.40
CA VAL B 6 -0.19 23.48 -4.15
C VAL B 6 0.04 22.00 -3.83
N ILE B 7 1.16 21.46 -4.30
CA ILE B 7 1.54 20.08 -4.04
C ILE B 7 2.22 20.08 -2.66
N VAL B 8 1.59 19.45 -1.68
CA VAL B 8 2.15 19.41 -0.32
C VAL B 8 2.78 18.07 0.04
N GLY B 9 2.67 17.08 -0.85
CA GLY B 9 3.20 15.75 -0.59
C GLY B 9 2.93 14.85 -1.77
N ARG B 10 3.34 13.59 -1.68
CA ARG B 10 3.15 12.65 -2.76
C ARG B 10 2.89 11.26 -2.21
N ILE B 11 2.38 10.39 -3.07
CA ILE B 11 2.12 9.01 -2.73
C ILE B 11 2.70 8.25 -3.91
N VAL B 12 3.63 7.34 -3.62
CA VAL B 12 4.30 6.55 -4.65
C VAL B 12 3.84 5.10 -4.63
N LEU B 13 3.36 4.64 -5.78
CA LEU B 13 2.83 3.28 -5.97
C LEU B 13 3.85 2.38 -6.65
N SER B 14 4.87 2.99 -7.26
CA SER B 14 5.89 2.26 -7.98
C SER B 14 7.00 1.65 -7.14
N GLY B 15 6.91 1.80 -5.83
CA GLY B 15 7.92 1.26 -4.95
C GLY B 15 7.76 -0.22 -4.80
N LYS B 16 8.84 -0.93 -4.51
CA LYS B 16 8.78 -2.37 -4.33
C LYS B 16 9.53 -2.76 -3.07
N PRO B 17 9.17 -3.91 -2.45
CA PRO B 17 9.82 -4.37 -1.23
C PRO B 17 11.31 -4.11 -1.30
N ALA B 18 11.83 -3.47 -0.27
CA ALA B 18 13.23 -3.13 -0.23
C ALA B 18 13.77 -3.33 1.17
N ILE B 19 15.02 -3.75 1.26
CA ILE B 19 15.68 -3.96 2.53
C ILE B 19 16.15 -2.57 2.92
N ILE B 20 15.66 -2.07 4.05
CA ILE B 20 16.01 -0.74 4.53
C ILE B 20 17.50 -0.72 4.87
N PRO B 21 18.27 0.18 4.25
CA PRO B 21 19.71 0.28 4.49
C PRO B 21 20.10 0.99 5.79
N LYS B 22 21.16 0.50 6.43
CA LYS B 22 21.67 1.09 7.66
C LYS B 22 22.63 2.19 7.30
N LYS B 23 22.64 3.25 8.12
CA LYS B 23 23.50 4.38 7.88
C LYS B 23 24.29 4.67 9.17
N VAL C 40 12.08 5.47 8.17
CA VAL C 40 11.20 4.51 7.45
C VAL C 40 10.98 3.37 8.43
N GLU C 41 9.88 2.63 8.27
CA GLU C 41 9.61 1.51 9.15
C GLU C 41 9.31 0.25 8.36
N GLY C 42 9.86 -0.85 8.83
CA GLY C 42 9.68 -2.12 8.16
C GLY C 42 8.68 -3.05 8.80
N GLU C 43 7.86 -3.67 7.97
CA GLU C 43 6.86 -4.62 8.42
C GLU C 43 7.50 -5.97 8.67
N VAL C 44 8.56 -6.24 7.91
CA VAL C 44 9.25 -7.52 7.98
C VAL C 44 10.61 -7.36 8.57
N GLN C 45 10.93 -8.20 9.54
CA GLN C 45 12.23 -8.17 10.19
C GLN C 45 13.02 -9.38 9.74
N ILE C 46 14.30 -9.16 9.44
CA ILE C 46 15.19 -10.23 9.05
C ILE C 46 15.87 -10.58 10.39
N VAL C 47 15.40 -11.67 10.98
CA VAL C 47 15.88 -12.12 12.28
C VAL C 47 16.83 -13.31 12.20
N SER C 48 17.59 -13.50 13.25
CA SER C 48 18.55 -14.57 13.30
C SER C 48 18.79 -15.14 14.69
N THR C 49 18.98 -16.46 14.74
CA THR C 49 19.30 -17.17 15.97
C THR C 49 20.72 -17.65 15.70
N ALA C 50 21.28 -18.44 16.61
CA ALA C 50 22.65 -18.93 16.42
C ALA C 50 22.70 -19.95 15.28
N THR C 51 21.66 -20.76 15.23
CA THR C 51 21.54 -21.79 14.24
C THR C 51 21.14 -21.26 12.86
N GLN C 52 20.06 -20.49 12.79
CA GLN C 52 19.59 -20.02 11.48
C GLN C 52 19.16 -18.58 11.36
N THR C 53 18.66 -18.26 10.17
CA THR C 53 18.14 -16.95 9.82
C THR C 53 16.79 -17.20 9.18
N PHE C 54 15.86 -16.28 9.44
CA PHE C 54 14.51 -16.36 8.90
C PHE C 54 13.93 -14.95 8.97
N LEU C 55 12.61 -14.86 8.84
CA LEU C 55 11.98 -13.56 8.86
C LEU C 55 10.93 -13.52 9.96
N ALA C 56 10.44 -12.33 10.21
CA ALA C 56 9.39 -12.12 11.19
C ALA C 56 8.57 -11.03 10.53
N THR C 57 7.26 -11.05 10.73
CA THR C 57 6.34 -10.08 10.13
C THR C 57 5.49 -9.49 11.24
N CYS C 58 5.37 -8.17 11.27
CA CYS C 58 4.55 -7.53 12.29
C CYS C 58 3.12 -7.39 11.78
N ILE C 59 2.17 -7.99 12.50
CA ILE C 59 0.75 -7.93 12.14
C ILE C 59 -0.08 -7.64 13.39
N ASN C 60 -0.89 -6.59 13.31
CA ASN C 60 -1.73 -6.15 14.42
C ASN C 60 -0.98 -5.93 15.73
N GLY C 61 0.11 -5.19 15.64
CA GLY C 61 0.92 -4.89 16.81
C GLY C 61 1.85 -5.98 17.30
N VAL C 62 1.78 -7.17 16.71
CA VAL C 62 2.65 -8.25 17.14
C VAL C 62 3.65 -8.64 16.06
N CYS C 63 4.83 -9.04 16.50
CA CYS C 63 5.91 -9.46 15.60
C CYS C 63 5.85 -10.98 15.54
N TRP C 64 5.35 -11.50 14.43
CA TRP C 64 5.19 -12.95 14.23
C TRP C 64 6.31 -13.65 13.45
N THR C 65 6.52 -14.93 13.74
CA THR C 65 7.50 -15.77 13.06
C THR C 65 7.16 -17.23 13.33
N VAL C 66 7.94 -18.14 12.75
CA VAL C 66 7.72 -19.57 12.91
C VAL C 66 8.34 -20.17 14.19
N TYR C 67 7.59 -21.05 14.85
CA TYR C 67 8.07 -21.70 16.07
C TYR C 67 9.32 -22.53 15.79
N HIS C 68 9.37 -23.16 14.62
CA HIS C 68 10.52 -23.99 14.30
C HIS C 68 11.79 -23.18 14.07
N GLY C 69 11.64 -21.87 13.98
CA GLY C 69 12.80 -21.01 13.77
C GLY C 69 13.24 -20.41 15.08
N ALA C 70 12.31 -19.76 15.77
CA ALA C 70 12.60 -19.08 17.03
C ALA C 70 12.49 -19.99 18.23
N GLY C 71 11.52 -20.90 18.20
CA GLY C 71 11.32 -21.79 19.31
C GLY C 71 10.60 -21.01 20.39
N THR C 72 11.06 -21.14 21.62
CA THR C 72 10.47 -20.43 22.74
C THR C 72 11.36 -19.23 23.07
N ARG C 73 12.32 -19.01 22.18
CA ARG C 73 13.30 -17.95 22.32
C ARG C 73 12.71 -16.57 22.52
N THR C 74 13.46 -15.77 23.23
CA THR C 74 13.08 -14.42 23.58
C THR C 74 13.60 -13.54 22.45
N ILE C 75 13.12 -12.30 22.32
CA ILE C 75 13.65 -11.41 21.27
C ILE C 75 14.49 -10.31 21.90
N ALA C 76 15.57 -9.91 21.25
CA ALA C 76 16.44 -8.88 21.80
C ALA C 76 15.86 -7.46 21.76
N SER C 77 16.42 -6.58 22.57
CA SER C 77 15.99 -5.18 22.62
C SER C 77 17.02 -4.37 23.42
N PRO C 78 17.06 -3.04 23.20
CA PRO C 78 18.00 -2.16 23.89
C PRO C 78 17.84 -2.22 25.41
N LYS C 79 16.70 -2.73 25.88
CA LYS C 79 16.43 -2.83 27.31
C LYS C 79 16.48 -4.26 27.82
N GLY C 80 16.91 -5.18 26.97
CA GLY C 80 16.99 -6.56 27.39
C GLY C 80 15.98 -7.42 26.65
N PRO C 81 16.13 -8.74 26.77
CA PRO C 81 15.26 -9.71 26.12
C PRO C 81 13.78 -9.58 26.49
N VAL C 82 12.91 -9.59 25.49
CA VAL C 82 11.48 -9.52 25.75
C VAL C 82 10.87 -10.87 25.36
N ILE C 83 10.11 -11.46 26.28
CA ILE C 83 9.51 -12.77 26.06
C ILE C 83 8.35 -12.76 25.07
N GLN C 84 8.02 -13.95 24.59
CA GLN C 84 6.94 -14.12 23.65
C GLN C 84 5.61 -13.78 24.27
N MET C 85 4.72 -13.23 23.48
CA MET C 85 3.38 -12.90 23.92
C MET C 85 2.51 -14.10 23.54
N TYR C 86 2.90 -14.80 22.49
CA TYR C 86 2.16 -15.97 22.00
C TYR C 86 3.15 -17.05 21.54
N THR C 87 2.87 -18.30 21.91
CA THR C 87 3.69 -19.45 21.54
C THR C 87 2.68 -20.54 21.21
N ASN C 88 2.53 -20.81 19.93
CA ASN C 88 1.59 -21.81 19.46
C ASN C 88 2.38 -22.81 18.66
N VAL C 89 2.89 -23.81 19.35
CA VAL C 89 3.69 -24.86 18.74
C VAL C 89 2.88 -25.62 17.69
N ASP C 90 1.63 -25.94 18.04
CA ASP C 90 0.74 -26.67 17.16
C ASP C 90 0.61 -25.99 15.81
N GLN C 91 0.41 -24.68 15.81
CA GLN C 91 0.27 -23.94 14.58
C GLN C 91 1.61 -23.40 14.10
N ASP C 92 2.70 -23.78 14.77
CA ASP C 92 4.05 -23.35 14.40
C ASP C 92 4.19 -21.81 14.36
N LEU C 93 3.49 -21.15 15.27
CA LEU C 93 3.43 -19.69 15.35
C LEU C 93 3.84 -19.13 16.71
N VAL C 94 4.65 -18.06 16.71
CA VAL C 94 5.08 -17.38 17.94
C VAL C 94 5.09 -15.89 17.65
N GLY C 95 4.87 -15.07 18.68
CA GLY C 95 4.85 -13.65 18.49
C GLY C 95 5.38 -12.89 19.69
N TRP C 96 6.02 -11.75 19.44
CA TRP C 96 6.52 -10.90 20.50
C TRP C 96 5.96 -9.51 20.24
N PRO C 97 6.11 -8.59 21.18
CA PRO C 97 5.56 -7.26 20.90
C PRO C 97 6.38 -6.72 19.73
N ALA C 98 5.72 -5.99 18.83
CA ALA C 98 6.41 -5.41 17.69
C ALA C 98 7.63 -4.58 18.14
N PRO C 99 8.83 -4.88 17.59
CA PRO C 99 10.05 -4.16 17.96
C PRO C 99 10.09 -2.71 17.46
N GLN C 100 11.11 -1.97 17.89
CA GLN C 100 11.24 -0.58 17.47
C GLN C 100 11.69 -0.57 16.01
N GLY C 101 11.22 0.41 15.25
CA GLY C 101 11.59 0.52 13.85
C GLY C 101 10.72 -0.33 12.95
N SER C 102 9.52 -0.67 13.43
CA SER C 102 8.61 -1.49 12.67
C SER C 102 7.24 -0.86 12.51
N ARG C 103 6.44 -1.45 11.62
CA ARG C 103 5.08 -1.01 11.36
C ARG C 103 4.27 -2.26 11.08
N SER C 104 2.97 -2.21 11.34
CA SER C 104 2.14 -3.38 11.13
C SER C 104 1.49 -3.48 9.77
N LEU C 105 1.27 -4.72 9.38
CA LEU C 105 0.65 -5.05 8.14
C LEU C 105 -0.81 -5.29 8.48
N THR C 106 -1.70 -4.94 7.57
CA THR C 106 -3.13 -5.12 7.77
C THR C 106 -3.52 -6.51 7.26
N PRO C 107 -4.37 -7.23 8.00
CA PRO C 107 -4.78 -8.57 7.56
C PRO C 107 -5.57 -8.42 6.27
N CYS C 108 -5.63 -9.48 5.47
CA CYS C 108 -6.38 -9.43 4.24
C CYS C 108 -7.86 -9.64 4.54
N THR C 109 -8.70 -8.86 3.87
CA THR C 109 -10.16 -8.93 4.04
C THR C 109 -10.90 -9.01 2.69
N CYS C 110 -10.14 -9.31 1.63
CA CYS C 110 -10.66 -9.37 0.27
C CYS C 110 -10.77 -10.79 -0.24
N GLY C 111 -10.22 -11.73 0.52
CA GLY C 111 -10.24 -13.13 0.14
C GLY C 111 -9.71 -13.48 -1.24
N SER C 112 -8.67 -12.80 -1.71
CA SER C 112 -8.10 -13.10 -3.01
C SER C 112 -7.18 -14.34 -2.97
N SER C 113 -7.07 -15.00 -4.12
CA SER C 113 -6.25 -16.20 -4.27
C SER C 113 -4.96 -15.87 -5.00
N ASP C 114 -4.78 -14.59 -5.30
CA ASP C 114 -3.58 -14.12 -5.99
C ASP C 114 -2.68 -13.57 -4.89
N LEU C 115 -1.79 -14.43 -4.40
CA LEU C 115 -0.86 -14.12 -3.32
C LEU C 115 0.54 -13.79 -3.83
N TYR C 116 1.32 -13.14 -2.98
CA TYR C 116 2.68 -12.74 -3.33
C TYR C 116 3.57 -12.94 -2.12
N LEU C 117 4.52 -13.85 -2.22
CA LEU C 117 5.42 -14.13 -1.12
C LEU C 117 6.64 -13.22 -1.19
N VAL C 118 7.00 -12.60 -0.06
CA VAL C 118 8.17 -11.72 0.00
C VAL C 118 9.30 -12.49 0.67
N THR C 119 10.44 -12.58 -0.01
CA THR C 119 11.59 -13.31 0.53
C THR C 119 12.48 -12.42 1.38
N ARG C 120 13.52 -13.01 1.97
CA ARG C 120 14.46 -12.28 2.82
C ARG C 120 15.33 -11.34 1.98
N HIS C 121 15.17 -11.39 0.66
CA HIS C 121 15.95 -10.54 -0.22
C HIS C 121 15.07 -9.46 -0.83
N ALA C 122 13.83 -9.40 -0.35
CA ALA C 122 12.85 -8.44 -0.81
C ALA C 122 12.23 -8.88 -2.12
N ASP C 123 12.56 -10.11 -2.54
CA ASP C 123 12.03 -10.65 -3.77
C ASP C 123 10.55 -10.94 -3.57
N VAL C 124 9.76 -10.77 -4.62
CA VAL C 124 8.33 -11.02 -4.55
C VAL C 124 8.09 -12.22 -5.48
N ILE C 125 7.33 -13.19 -4.99
CA ILE C 125 7.05 -14.41 -5.71
C ILE C 125 5.55 -14.60 -5.83
N PRO C 126 5.00 -14.52 -7.06
CA PRO C 126 3.57 -14.71 -7.24
C PRO C 126 3.18 -16.16 -6.91
N VAL C 127 2.15 -16.30 -6.08
CA VAL C 127 1.65 -17.60 -5.62
C VAL C 127 0.13 -17.64 -5.71
N ARG C 128 -0.42 -18.74 -6.22
CA ARG C 128 -1.86 -18.92 -6.34
C ARG C 128 -2.29 -19.77 -5.16
N ARG C 129 -3.28 -19.30 -4.41
CA ARG C 129 -3.74 -20.05 -3.26
C ARG C 129 -4.51 -21.29 -3.68
N ARG C 130 -4.11 -22.43 -3.12
CA ARG C 130 -4.74 -23.71 -3.41
C ARG C 130 -5.48 -24.26 -2.18
N GLY C 131 -5.54 -23.51 -1.10
CA GLY C 131 -6.24 -23.97 0.09
C GLY C 131 -5.93 -23.11 1.31
N ASP C 132 -6.58 -23.42 2.44
CA ASP C 132 -6.41 -22.69 3.69
C ASP C 132 -4.98 -22.31 4.00
N SER C 133 -4.07 -23.26 3.82
CA SER C 133 -2.68 -23.05 4.14
C SER C 133 -1.72 -23.42 3.03
N ARG C 134 -2.20 -23.40 1.80
CA ARG C 134 -1.32 -23.75 0.70
C ARG C 134 -1.52 -22.92 -0.56
N GLY C 135 -0.43 -22.72 -1.29
CA GLY C 135 -0.45 -21.99 -2.52
C GLY C 135 0.67 -22.51 -3.39
N SER C 136 0.49 -22.45 -4.71
CA SER C 136 1.47 -22.92 -5.68
C SER C 136 2.23 -21.76 -6.33
N LEU C 137 3.55 -21.85 -6.39
CA LEU C 137 4.35 -20.79 -7.00
C LEU C 137 3.95 -20.69 -8.46
N LEU C 138 3.89 -19.48 -9.03
CA LEU C 138 3.54 -19.36 -10.43
C LEU C 138 4.70 -19.84 -11.28
N SER C 139 5.91 -19.59 -10.80
CA SER C 139 7.11 -20.03 -11.49
C SER C 139 7.96 -20.71 -10.44
N PRO C 140 8.05 -22.06 -10.45
CA PRO C 140 8.85 -22.81 -9.49
C PRO C 140 10.26 -22.26 -9.44
N ARG C 141 10.85 -22.24 -8.25
CA ARG C 141 12.19 -21.72 -8.08
C ARG C 141 13.00 -22.65 -7.23
N PRO C 142 14.33 -22.61 -7.37
CA PRO C 142 15.16 -23.51 -6.54
C PRO C 142 14.89 -23.18 -5.07
N ILE C 143 14.97 -24.20 -4.23
CA ILE C 143 14.71 -24.03 -2.80
C ILE C 143 15.57 -22.92 -2.21
N SER C 144 16.78 -22.78 -2.74
CA SER C 144 17.74 -21.78 -2.30
C SER C 144 17.15 -20.37 -2.34
N TYR C 145 16.33 -20.11 -3.36
CA TYR C 145 15.72 -18.81 -3.54
C TYR C 145 14.76 -18.48 -2.38
N LEU C 146 14.15 -19.52 -1.82
CA LEU C 146 13.21 -19.33 -0.73
C LEU C 146 13.82 -19.56 0.64
N LYS C 147 15.09 -19.95 0.67
CA LYS C 147 15.80 -20.22 1.93
C LYS C 147 15.92 -18.99 2.83
N GLY C 148 15.53 -19.14 4.10
CA GLY C 148 15.62 -18.06 5.06
C GLY C 148 14.47 -17.06 5.02
N SER C 149 13.32 -17.49 4.51
CA SER C 149 12.18 -16.60 4.42
C SER C 149 10.99 -16.99 5.28
N SER C 150 11.07 -18.12 5.97
CA SER C 150 9.97 -18.56 6.84
C SER C 150 9.68 -17.44 7.82
N GLY C 151 8.40 -17.13 7.97
CA GLY C 151 8.03 -16.05 8.87
C GLY C 151 7.67 -14.86 8.02
N GLY C 152 8.10 -14.87 6.75
CA GLY C 152 7.79 -13.79 5.82
C GLY C 152 6.31 -13.77 5.48
N PRO C 153 5.81 -12.68 4.88
CA PRO C 153 4.39 -12.60 4.55
C PRO C 153 3.98 -13.06 3.15
N LEU C 154 2.71 -13.47 3.05
CA LEU C 154 2.11 -13.87 1.80
C LEU C 154 1.12 -12.74 1.68
N LEU C 155 1.35 -11.84 0.73
CA LEU C 155 0.48 -10.69 0.51
C LEU C 155 -0.57 -10.89 -0.57
N CYS C 156 -1.72 -10.21 -0.44
CA CYS C 156 -2.76 -10.27 -1.46
C CYS C 156 -2.53 -9.12 -2.46
N PRO C 157 -3.38 -8.97 -3.49
CA PRO C 157 -3.16 -7.88 -4.44
C PRO C 157 -3.09 -6.48 -3.80
N ALA C 158 -3.68 -6.32 -2.60
CA ALA C 158 -3.70 -5.05 -1.87
C ALA C 158 -2.52 -4.88 -0.92
N GLY C 159 -1.59 -5.82 -0.94
CA GLY C 159 -0.43 -5.75 -0.07
C GLY C 159 -0.75 -6.05 1.39
N HIS C 160 -1.91 -6.63 1.64
CA HIS C 160 -2.35 -6.97 2.99
C HIS C 160 -1.99 -8.41 3.31
N ALA C 161 -1.59 -8.67 4.57
CA ALA C 161 -1.19 -9.98 5.05
C ALA C 161 -2.27 -11.06 4.90
N VAL C 162 -1.96 -12.10 4.15
CA VAL C 162 -2.88 -13.22 3.93
C VAL C 162 -2.45 -14.38 4.83
N GLY C 163 -1.14 -14.52 5.02
CA GLY C 163 -0.65 -15.58 5.84
C GLY C 163 0.82 -15.37 6.07
N LEU C 164 1.44 -16.31 6.76
CA LEU C 164 2.86 -16.26 7.08
C LEU C 164 3.51 -17.49 6.47
N PHE C 165 4.48 -17.28 5.59
CA PHE C 165 5.20 -18.38 4.95
C PHE C 165 5.76 -19.35 5.99
N ARG C 166 5.20 -20.55 6.02
CA ARG C 166 5.60 -21.60 6.96
C ARG C 166 6.76 -22.48 6.44
N ALA C 167 6.59 -23.08 5.27
CA ALA C 167 7.63 -23.96 4.72
C ALA C 167 7.45 -24.18 3.23
N ALA C 168 8.57 -24.33 2.53
CA ALA C 168 8.57 -24.56 1.09
C ALA C 168 8.34 -26.05 0.78
N VAL C 169 7.47 -26.32 -0.19
CA VAL C 169 7.18 -27.69 -0.61
C VAL C 169 7.98 -27.97 -1.89
N CYS C 170 9.05 -28.75 -1.75
CA CYS C 170 9.97 -29.06 -2.84
C CYS C 170 9.92 -30.45 -3.46
N THR C 171 10.23 -30.49 -4.74
CA THR C 171 10.30 -31.74 -5.47
C THR C 171 11.68 -31.73 -6.11
N ARG C 172 12.60 -32.48 -5.51
CA ARG C 172 13.96 -32.56 -6.02
C ARG C 172 14.62 -31.18 -6.08
N GLY C 173 14.52 -30.43 -4.99
CA GLY C 173 15.15 -29.12 -4.92
C GLY C 173 14.44 -27.93 -5.55
N VAL C 174 13.33 -28.16 -6.24
CA VAL C 174 12.61 -27.06 -6.83
C VAL C 174 11.32 -26.78 -6.07
N ALA C 175 11.25 -25.60 -5.46
CA ALA C 175 10.09 -25.17 -4.70
C ALA C 175 8.98 -24.76 -5.66
N LYS C 176 7.92 -25.58 -5.69
CA LYS C 176 6.79 -25.32 -6.57
C LYS C 176 5.56 -24.91 -5.79
N ALA C 177 5.64 -24.97 -4.48
CA ALA C 177 4.50 -24.63 -3.63
C ALA C 177 5.00 -24.26 -2.24
N VAL C 178 4.13 -23.60 -1.48
CA VAL C 178 4.47 -23.17 -0.13
C VAL C 178 3.36 -23.48 0.86
N ASP C 179 3.75 -23.65 2.12
CA ASP C 179 2.81 -23.89 3.19
C ASP C 179 2.83 -22.57 3.95
N PHE C 180 1.65 -22.11 4.38
CA PHE C 180 1.58 -20.87 5.15
C PHE C 180 0.57 -20.93 6.30
N ILE C 181 0.72 -20.01 7.24
CA ILE C 181 -0.15 -19.91 8.41
C ILE C 181 -1.15 -18.78 8.09
N PRO C 182 -2.44 -19.10 7.95
CA PRO C 182 -3.47 -18.09 7.65
C PRO C 182 -3.52 -16.98 8.71
N VAL C 183 -3.79 -15.73 8.29
CA VAL C 183 -3.88 -14.64 9.26
C VAL C 183 -4.91 -14.90 10.33
N GLU C 184 -5.91 -15.71 10.02
CA GLU C 184 -6.96 -16.04 10.98
C GLU C 184 -6.35 -16.69 12.21
N ASN C 185 -5.40 -17.61 12.01
CA ASN C 185 -4.73 -18.27 13.13
C ASN C 185 -4.12 -17.24 14.02
N LEU C 186 -3.42 -16.27 13.42
CA LEU C 186 -2.80 -15.19 14.18
C LEU C 186 -3.88 -14.44 14.97
N GLU C 187 -4.93 -14.06 14.27
CA GLU C 187 -6.03 -13.31 14.88
C GLU C 187 -6.76 -14.11 15.95
N THR C 188 -6.79 -15.43 15.80
CA THR C 188 -7.44 -16.31 16.76
C THR C 188 -6.54 -16.48 17.97
N THR C 189 -5.24 -16.61 17.72
CA THR C 189 -4.25 -16.77 18.77
C THR C 189 -4.24 -15.53 19.66
N MET C 190 -4.36 -14.36 19.03
CA MET C 190 -4.36 -13.08 19.75
C MET C 190 -5.56 -12.95 20.66
N GLY D 3 19.90 -18.19 24.63
CA GLY D 3 19.90 -17.62 23.25
C GLY D 3 18.67 -16.78 22.99
N SER D 4 18.86 -15.65 22.29
CA SER D 4 17.76 -14.74 21.96
C SER D 4 17.74 -14.51 20.46
N VAL D 5 16.56 -14.24 19.92
CA VAL D 5 16.40 -13.95 18.51
C VAL D 5 16.71 -12.47 18.33
N VAL D 6 17.57 -12.15 17.37
CA VAL D 6 17.93 -10.76 17.12
C VAL D 6 17.55 -10.31 15.72
N ILE D 7 17.24 -9.03 15.62
CA ILE D 7 16.85 -8.40 14.37
C ILE D 7 18.13 -7.91 13.68
N VAL D 8 18.37 -8.40 12.46
CA VAL D 8 19.56 -8.03 11.71
C VAL D 8 19.29 -7.17 10.48
N GLY D 9 18.02 -6.96 10.17
CA GLY D 9 17.67 -6.15 9.02
C GLY D 9 16.18 -5.91 9.04
N ARG D 10 15.71 -5.08 8.12
CA ARG D 10 14.29 -4.75 8.05
C ARG D 10 13.92 -4.61 6.59
N ILE D 11 12.65 -4.83 6.27
CA ILE D 11 12.15 -4.72 4.91
C ILE D 11 10.89 -3.87 4.91
N VAL D 12 10.86 -2.83 4.08
CA VAL D 12 9.69 -1.96 3.94
C VAL D 12 9.00 -2.38 2.65
N LEU D 13 7.76 -2.83 2.77
CA LEU D 13 7.03 -3.32 1.59
C LEU D 13 6.71 -2.33 0.46
N SER D 14 6.75 -1.05 0.75
CA SER D 14 6.47 -0.02 -0.27
C SER D 14 7.71 0.49 -0.96
N GLY D 15 8.87 0.03 -0.50
CA GLY D 15 10.13 0.49 -1.05
C GLY D 15 10.44 1.90 -0.63
N LYS D 16 9.72 2.41 0.36
CA LYS D 16 9.92 3.76 0.85
C LYS D 16 11.34 4.11 1.21
N PRO D 17 11.92 5.09 0.50
CA PRO D 17 13.29 5.52 0.74
C PRO D 17 13.41 6.38 1.99
N ALA D 18 12.67 7.49 2.00
CA ALA D 18 12.64 8.47 3.08
C ALA D 18 14.01 8.81 3.73
ZN ZN E . -7.04 -3.62 -15.27
C1 BE8 F . -21.92 12.02 0.00
C6 BE8 F . -23.24 10.44 -2.83
C7 BE8 F . -24.51 10.44 -3.69
C8 BE8 F . -22.65 9.01 -2.95
C9 BE8 F . -22.23 11.46 -3.42
C11 BE8 F . -26.02 11.77 0.65
O2 BE8 F . -22.40 13.14 -0.27
C4 BE8 F . -23.63 10.86 -1.33
C15 BE8 F . -25.95 8.71 2.47
C5 BE8 F . -24.78 10.03 -0.77
N3 BE8 F . -22.48 10.89 -0.41
N10 BE8 F . -25.26 10.52 0.55
S12 BE8 F . -24.69 9.80 1.93
O13 BE8 F . -23.51 9.02 1.58
O14 BE8 F . -24.45 10.88 2.85
N16 BE8 F . -20.89 11.88 0.81
C17 BE8 F . -20.16 13.03 1.31
C18 BE8 F . -19.90 12.96 2.81
C19 BE8 F . -18.99 14.12 3.21
C20 BE8 F . -21.27 13.09 3.48
C21 BE8 F . -19.25 11.62 3.23
C22 BE8 F . -18.88 13.15 0.47
O23 BE8 F . -18.11 12.20 0.37
N24 BE8 F . -18.69 14.30 -0.20
C25 BE8 F . -19.62 15.42 -0.31
C26 BE8 F . -17.50 14.52 -1.03
C27 BE8 F . -17.81 15.59 -2.01
C28 BE8 F . -18.92 16.31 -1.30
C29 BE8 F . -19.12 15.87 -2.76
C30 BE8 F . -19.11 16.95 -3.82
C31 BE8 F . -20.02 14.69 -3.08
C32 BE8 F . -16.22 14.61 -0.21
O33 BE8 F . -16.21 15.24 0.85
N34 BE8 F . -15.15 14.00 -0.71
C35 BE8 F . -13.85 14.01 -0.03
B36 BE8 F . -12.54 14.65 -0.73
C37 BE8 F . -13.62 12.67 0.70
C38 BE8 F . -14.78 12.16 1.62
C39 BE8 F . -14.74 12.53 3.12
C40 BE8 F . -14.85 10.67 1.99
C41 BE8 F . -14.91 11.04 3.49
O42 BE8 F . -11.44 14.48 0.09
O43 BE8 F . -12.81 16.01 -0.91
ZN ZN G . -6.84 -8.48 0.47
#